data_3U9N
#
_entry.id   3U9N
#
_cell.length_a   45.160
_cell.length_b   65.680
_cell.length_c   54.780
_cell.angle_alpha   90.00
_cell.angle_beta   102.63
_cell.angle_gamma   90.00
#
_symmetry.space_group_name_H-M   'P 1 21 1'
#
loop_
_entity.id
_entity.type
_entity.pdbx_description
1 polymer 'Serine/threonine-protein kinase Chk1'
2 non-polymer 2-(2,3-dihydro-1-benzofuran-5-yl)-N-[2-(piperazin-1-yl)phenyl]-1,3-thiazole-4-carboxamide
3 water water
#
_entity_poly.entity_id   1
_entity_poly.type   'polypeptide(L)'
_entity_poly.pdbx_seq_one_letter_code
;AVPFVEDWDLVQTLGEGAYGEVQLAVNRVTEEAVAVKIVDMKRAVDCPENIKKEICINKMLNHENVVKFYGHRREGNIQY
LFLEYCSGGELFDRIEPDIGMPEPDAQRFFHQLMAGVVYLHGIGITHRDIKPENLLLDERDNLKISDFGLATVFRYNNRE
RLLNKMCGTLPYVAPELLKRREFHAEPVDVWSCGIVLTAMLAGELPWDQPSDSCQEYSDWKEKKTYLNPWKKIDSAPLAL
LHKILVENPSARITIPDIKKDRWYNKPLKKGAK
;
_entity_poly.pdbx_strand_id   A
#
loop_
_chem_comp.id
_chem_comp.type
_chem_comp.name
_chem_comp.formula
09H non-polymer 2-(2,3-dihydro-1-benzofuran-5-yl)-N-[2-(piperazin-1-yl)phenyl]-1,3-thiazole-4-carboxamide 'C22 H22 N4 O2 S'
#
# COMPACT_ATOMS: atom_id res chain seq x y z
N GLU A 6 -4.02 -22.72 22.32
CA GLU A 6 -4.81 -22.10 21.28
C GLU A 6 -5.79 -23.09 20.66
N ASP A 7 -6.95 -22.58 20.25
CA ASP A 7 -7.94 -23.42 19.58
C ASP A 7 -7.78 -23.25 18.07
N TRP A 8 -6.63 -22.74 17.66
CA TRP A 8 -6.35 -22.52 16.23
C TRP A 8 -5.22 -23.41 15.72
N ASP A 9 -5.50 -24.15 14.66
CA ASP A 9 -4.52 -25.02 14.04
C ASP A 9 -3.80 -24.26 12.92
N LEU A 10 -2.47 -24.26 12.96
CA LEU A 10 -1.67 -23.60 11.93
C LEU A 10 -1.50 -24.60 10.79
N VAL A 11 -2.31 -24.43 9.74
CA VAL A 11 -2.38 -25.38 8.63
C VAL A 11 -1.39 -25.21 7.46
N GLN A 12 -0.87 -24.01 7.25
CA GLN A 12 0.06 -23.82 6.14
C GLN A 12 0.79 -22.50 6.12
N THR A 13 2.02 -22.53 5.62
CA THR A 13 2.84 -21.34 5.52
C THR A 13 2.35 -20.49 4.35
N LEU A 14 1.93 -19.27 4.67
CA LEU A 14 1.43 -18.34 3.66
C LEU A 14 2.55 -17.41 3.23
N GLY A 15 3.17 -16.77 4.21
CA GLY A 15 4.24 -15.83 3.93
C GLY A 15 5.49 -16.11 4.77
N GLU A 16 6.62 -16.24 4.07
CA GLU A 16 7.89 -16.48 4.71
C GLU A 16 8.84 -15.36 4.29
N GLY A 17 9.16 -14.48 5.21
CA GLY A 17 10.05 -13.37 4.89
C GLY A 17 10.53 -12.63 6.13
N ALA A 18 11.11 -11.47 5.89
CA ALA A 18 11.64 -10.63 6.95
C ALA A 18 10.57 -10.24 7.96
N TYR A 19 9.32 -10.28 7.54
CA TYR A 19 8.21 -9.94 8.43
C TYR A 19 8.07 -11.00 9.51
N GLY A 20 8.88 -12.04 9.40
CA GLY A 20 8.82 -13.17 10.31
C GLY A 20 8.17 -14.28 9.51
N GLU A 21 6.91 -14.58 9.81
CA GLU A 21 6.17 -15.61 9.07
C GLU A 21 4.65 -15.45 9.23
N VAL A 22 3.91 -15.78 8.18
CA VAL A 22 2.46 -15.72 8.19
C VAL A 22 1.91 -17.10 7.88
N GLN A 23 1.04 -17.59 8.74
CA GLN A 23 0.45 -18.91 8.54
C GLN A 23 -1.05 -18.83 8.43
N LEU A 24 -1.63 -19.84 7.80
CA LEU A 24 -3.07 -19.96 7.69
C LEU A 24 -3.47 -20.76 8.92
N ALA A 25 -4.42 -20.23 9.70
CA ALA A 25 -4.87 -20.90 10.91
C ALA A 25 -6.36 -21.19 10.82
N VAL A 26 -6.76 -22.38 11.27
CA VAL A 26 -8.15 -22.77 11.22
C VAL A 26 -8.64 -23.17 12.59
N ASN A 27 -9.81 -22.66 12.97
CA ASN A 27 -10.38 -22.99 14.26
C ASN A 27 -11.04 -24.36 14.18
N ARG A 28 -10.45 -25.32 14.91
CA ARG A 28 -10.92 -26.70 14.92
C ARG A 28 -12.26 -26.85 15.62
N VAL A 29 -13.03 -25.77 15.68
CA VAL A 29 -14.35 -25.78 16.31
C VAL A 29 -15.36 -25.13 15.37
N THR A 30 -15.24 -23.82 15.21
CA THR A 30 -16.15 -23.07 14.35
C THR A 30 -15.70 -23.13 12.89
N GLU A 31 -14.48 -23.63 12.67
CA GLU A 31 -13.94 -23.78 11.32
C GLU A 31 -13.62 -22.47 10.62
N GLU A 32 -13.55 -21.38 11.37
CA GLU A 32 -13.21 -20.08 10.79
C GLU A 32 -11.74 -20.06 10.44
N ALA A 33 -11.37 -19.34 9.39
CA ALA A 33 -9.98 -19.25 8.99
C ALA A 33 -9.46 -17.83 9.15
N VAL A 34 -8.23 -17.70 9.63
CA VAL A 34 -7.61 -16.39 9.81
C VAL A 34 -6.14 -16.54 9.50
N ALA A 35 -5.46 -15.40 9.35
CA ALA A 35 -4.03 -15.42 9.10
C ALA A 35 -3.33 -15.17 10.43
N VAL A 36 -2.16 -15.75 10.60
CA VAL A 36 -1.40 -15.56 11.82
C VAL A 36 0.02 -15.14 11.51
N LYS A 37 0.40 -13.96 11.98
CA LYS A 37 1.75 -13.47 11.79
C LYS A 37 2.56 -13.83 13.03
N ILE A 38 3.61 -14.61 12.83
CA ILE A 38 4.44 -15.07 13.94
C ILE A 38 5.81 -14.41 13.91
N VAL A 39 6.23 -13.88 15.06
CA VAL A 39 7.51 -13.19 15.16
C VAL A 39 8.53 -13.98 15.98
N ASP A 40 8.90 -13.44 17.15
CA ASP A 40 9.87 -14.09 18.01
N GLU A 49 9.42 -1.29 13.64
CA GLU A 49 9.87 -2.62 14.04
C GLU A 49 9.61 -2.87 15.53
N ASN A 50 8.35 -2.78 15.93
CA ASN A 50 7.96 -3.01 17.32
C ASN A 50 6.54 -3.55 17.39
N ILE A 51 6.39 -4.73 17.98
CA ILE A 51 5.09 -5.39 18.10
C ILE A 51 4.08 -4.55 18.86
N LYS A 52 4.53 -3.91 19.93
CA LYS A 52 3.64 -3.10 20.75
C LYS A 52 2.88 -2.09 19.90
N LYS A 53 3.63 -1.25 19.18
CA LYS A 53 3.03 -0.23 18.34
C LYS A 53 2.16 -0.83 17.24
N GLU A 54 2.65 -1.89 16.62
CA GLU A 54 1.90 -2.56 15.56
C GLU A 54 0.54 -3.01 16.07
N ILE A 55 0.50 -3.63 17.24
CA ILE A 55 -0.76 -4.08 17.82
C ILE A 55 -1.66 -2.89 18.13
N CYS A 56 -1.08 -1.85 18.72
CA CYS A 56 -1.84 -0.66 19.09
C CYS A 56 -2.46 0.00 17.88
N ILE A 57 -1.72 0.07 16.79
CA ILE A 57 -2.24 0.68 15.58
C ILE A 57 -3.33 -0.23 14.99
N ASN A 58 -3.04 -1.53 14.93
CA ASN A 58 -4.00 -2.50 14.42
C ASN A 58 -5.34 -2.46 15.15
N LYS A 59 -5.32 -2.20 16.45
CA LYS A 59 -6.55 -2.17 17.23
C LYS A 59 -7.46 -1.00 16.83
N MET A 60 -6.90 -0.01 16.15
CA MET A 60 -7.70 1.14 15.72
C MET A 60 -8.39 0.92 14.39
N LEU A 61 -7.98 -0.12 13.67
CA LEU A 61 -8.48 -0.35 12.32
C LEU A 61 -9.80 -1.11 12.16
N ASN A 62 -10.73 -0.48 11.46
CA ASN A 62 -12.02 -1.08 11.17
C ASN A 62 -12.55 -0.56 9.82
N HIS A 63 -12.07 -1.16 8.73
CA HIS A 63 -12.50 -0.76 7.40
C HIS A 63 -12.43 -1.94 6.45
N GLU A 64 -13.36 -1.98 5.49
CA GLU A 64 -13.46 -3.07 4.54
C GLU A 64 -12.23 -3.21 3.63
N ASN A 65 -11.44 -2.15 3.50
CA ASN A 65 -10.23 -2.22 2.64
C ASN A 65 -8.95 -2.25 3.47
N VAL A 66 -9.08 -2.66 4.73
CA VAL A 66 -7.93 -2.78 5.62
C VAL A 66 -7.99 -4.13 6.31
N VAL A 67 -6.86 -4.83 6.35
CA VAL A 67 -6.82 -6.14 7.00
C VAL A 67 -7.27 -6.00 8.46
N LYS A 68 -8.32 -6.71 8.82
CA LYS A 68 -8.85 -6.66 10.18
C LYS A 68 -7.94 -7.35 11.20
N PHE A 69 -7.90 -6.79 12.42
CA PHE A 69 -7.11 -7.34 13.51
C PHE A 69 -8.08 -8.06 14.44
N TYR A 70 -7.73 -9.28 14.82
CA TYR A 70 -8.62 -10.09 15.66
C TYR A 70 -8.14 -10.23 17.10
N GLY A 71 -6.83 -10.09 17.31
CA GLY A 71 -6.27 -10.22 18.64
C GLY A 71 -4.85 -10.69 18.57
N HIS A 72 -4.21 -10.78 19.73
CA HIS A 72 -2.83 -11.21 19.81
C HIS A 72 -2.64 -12.13 21.00
N ARG A 73 -1.62 -12.96 20.94
CA ARG A 73 -1.31 -13.87 22.04
C ARG A 73 0.20 -14.00 22.17
N ARG A 74 0.67 -14.05 23.41
CA ARG A 74 2.09 -14.16 23.68
C ARG A 74 2.41 -15.52 24.29
N GLU A 75 3.28 -16.27 23.63
CA GLU A 75 3.69 -17.59 24.12
C GLU A 75 5.21 -17.66 24.10
N GLY A 76 5.81 -17.63 25.28
CA GLY A 76 7.27 -17.65 25.39
C GLY A 76 7.79 -16.33 24.85
N ASN A 77 8.67 -16.41 23.85
CA ASN A 77 9.23 -15.22 23.22
C ASN A 77 8.70 -15.12 21.79
N ILE A 78 7.48 -15.59 21.60
CA ILE A 78 6.86 -15.59 20.28
C ILE A 78 5.47 -14.96 20.32
N GLN A 79 5.32 -13.83 19.62
CA GLN A 79 4.04 -13.13 19.57
C GLN A 79 3.20 -13.62 18.39
N TYR A 80 1.89 -13.71 18.60
CA TYR A 80 0.99 -14.17 17.57
C TYR A 80 -0.05 -13.09 17.24
N LEU A 81 0.01 -12.57 16.02
CA LEU A 81 -0.94 -11.56 15.58
C LEU A 81 -1.98 -12.24 14.69
N PHE A 82 -3.23 -12.26 15.15
CA PHE A 82 -4.33 -12.87 14.41
C PHE A 82 -5.02 -11.85 13.52
N LEU A 83 -4.94 -12.08 12.22
CA LEU A 83 -5.45 -11.15 11.23
C LEU A 83 -6.42 -11.72 10.19
N GLU A 84 -7.16 -10.82 9.54
CA GLU A 84 -8.10 -11.22 8.50
C GLU A 84 -7.39 -11.98 7.39
N TYR A 85 -7.90 -13.16 7.06
CA TYR A 85 -7.31 -13.96 6.00
C TYR A 85 -7.80 -13.50 4.63
N CYS A 86 -6.85 -13.32 3.71
CA CYS A 86 -7.16 -12.87 2.37
C CYS A 86 -6.72 -13.96 1.39
N SER A 87 -7.65 -14.84 1.02
CA SER A 87 -7.34 -15.98 0.18
C SER A 87 -6.85 -15.63 -1.22
N GLY A 88 -7.14 -14.41 -1.66
CA GLY A 88 -6.74 -13.96 -3.00
C GLY A 88 -5.24 -13.68 -3.09
N GLY A 89 -4.58 -13.57 -1.94
CA GLY A 89 -3.14 -13.33 -1.91
C GLY A 89 -2.76 -11.88 -2.20
N GLU A 90 -1.52 -11.70 -2.64
CA GLU A 90 -0.95 -10.39 -2.92
C GLU A 90 -1.26 -9.82 -4.30
N LEU A 91 -1.55 -8.52 -4.32
CA LEU A 91 -1.81 -7.80 -5.56
C LEU A 91 -0.58 -7.98 -6.45
N PHE A 92 0.58 -8.05 -5.83
CA PHE A 92 1.84 -8.22 -6.56
C PHE A 92 1.73 -9.37 -7.58
N ASP A 93 1.12 -10.47 -7.17
CA ASP A 93 0.98 -11.63 -8.06
C ASP A 93 -0.05 -11.50 -9.18
N ARG A 94 -0.79 -10.40 -9.19
CA ARG A 94 -1.76 -10.13 -10.25
C ARG A 94 -1.14 -9.20 -11.30
N ILE A 95 0.11 -8.81 -11.07
CA ILE A 95 0.80 -7.92 -12.00
C ILE A 95 1.71 -8.71 -12.94
N GLU A 96 1.34 -8.81 -14.22
CA GLU A 96 2.16 -9.55 -15.19
C GLU A 96 3.39 -8.73 -15.57
N PRO A 97 4.59 -9.29 -15.38
CA PRO A 97 5.81 -8.58 -15.71
C PRO A 97 5.82 -7.98 -17.12
N ASP A 98 6.12 -6.69 -17.20
CA ASP A 98 6.19 -5.96 -18.45
C ASP A 98 4.85 -5.70 -19.13
N ILE A 99 3.78 -6.22 -18.54
CA ILE A 99 2.44 -6.05 -19.10
C ILE A 99 1.54 -5.25 -18.17
N GLY A 100 1.46 -5.69 -16.93
CA GLY A 100 0.57 -5.05 -15.95
C GLY A 100 -0.69 -5.89 -15.80
N MET A 101 -1.85 -5.28 -16.05
CA MET A 101 -3.13 -5.96 -15.98
C MET A 101 -4.16 -5.13 -16.74
N PRO A 102 -5.33 -5.69 -17.01
CA PRO A 102 -6.36 -4.94 -17.73
C PRO A 102 -6.68 -3.65 -16.96
N GLU A 103 -6.80 -2.56 -17.70
CA GLU A 103 -7.09 -1.25 -17.11
C GLU A 103 -8.30 -1.22 -16.18
N PRO A 104 -9.34 -2.00 -16.50
CA PRO A 104 -10.54 -2.02 -15.64
C PRO A 104 -10.22 -2.64 -14.29
N ASP A 105 -9.37 -3.67 -14.30
CA ASP A 105 -8.98 -4.30 -13.05
C ASP A 105 -8.14 -3.31 -12.24
N ALA A 106 -7.22 -2.63 -12.92
CA ALA A 106 -6.36 -1.66 -12.24
C ALA A 106 -7.18 -0.53 -11.62
N GLN A 107 -8.19 -0.04 -12.34
CA GLN A 107 -9.00 1.04 -11.84
C GLN A 107 -9.77 0.61 -10.59
N ARG A 108 -10.30 -0.60 -10.64
CA ARG A 108 -11.06 -1.13 -9.52
C ARG A 108 -10.17 -1.28 -8.27
N PHE A 109 -8.98 -1.81 -8.45
CA PHE A 109 -8.05 -1.96 -7.32
C PHE A 109 -7.65 -0.58 -6.81
N PHE A 110 -7.44 0.36 -7.73
CA PHE A 110 -7.04 1.72 -7.33
C PHE A 110 -8.14 2.39 -6.51
N HIS A 111 -9.39 2.19 -6.92
CA HIS A 111 -10.52 2.75 -6.20
C HIS A 111 -10.54 2.21 -4.78
N GLN A 112 -10.31 0.91 -4.65
CA GLN A 112 -10.32 0.26 -3.34
C GLN A 112 -9.14 0.70 -2.50
N LEU A 113 -8.00 0.94 -3.15
CA LEU A 113 -6.81 1.40 -2.46
C LEU A 113 -7.07 2.81 -1.89
N MET A 114 -7.67 3.68 -2.70
CA MET A 114 -7.97 5.04 -2.26
C MET A 114 -8.92 5.02 -1.04
N ALA A 115 -9.95 4.18 -1.10
CA ALA A 115 -10.90 4.09 0.02
C ALA A 115 -10.19 3.70 1.30
N GLY A 116 -9.26 2.75 1.20
CA GLY A 116 -8.51 2.30 2.37
C GLY A 116 -7.62 3.42 2.91
N VAL A 117 -6.92 4.11 2.02
CA VAL A 117 -6.00 5.17 2.41
C VAL A 117 -6.76 6.35 2.98
N VAL A 118 -7.86 6.72 2.36
CA VAL A 118 -8.68 7.83 2.86
C VAL A 118 -9.07 7.50 4.30
N TYR A 119 -9.45 6.25 4.52
CA TYR A 119 -9.85 5.80 5.86
C TYR A 119 -8.72 5.98 6.90
N LEU A 120 -7.54 5.47 6.57
CA LEU A 120 -6.40 5.57 7.46
C LEU A 120 -6.06 7.03 7.75
N HIS A 121 -5.95 7.83 6.70
CA HIS A 121 -5.60 9.24 6.91
C HIS A 121 -6.68 9.93 7.74
N GLY A 122 -7.93 9.50 7.56
CA GLY A 122 -9.07 10.04 8.31
C GLY A 122 -8.93 9.80 9.81
N ILE A 123 -8.28 8.71 10.20
CA ILE A 123 -8.07 8.41 11.62
C ILE A 123 -6.68 8.82 12.09
N GLY A 124 -5.98 9.57 11.25
CA GLY A 124 -4.65 10.10 11.58
C GLY A 124 -3.51 9.10 11.48
N ILE A 125 -3.72 8.04 10.70
CA ILE A 125 -2.69 7.02 10.53
C ILE A 125 -2.11 7.03 9.12
N THR A 126 -0.78 6.93 9.03
CA THR A 126 -0.10 6.80 7.75
C THR A 126 0.56 5.42 7.70
N HIS A 127 0.41 4.74 6.57
CA HIS A 127 0.93 3.38 6.40
C HIS A 127 2.44 3.38 6.21
N ARG A 128 2.92 4.26 5.33
CA ARG A 128 4.35 4.44 5.09
C ARG A 128 5.09 3.37 4.29
N ASP A 129 4.39 2.33 3.86
CA ASP A 129 5.02 1.28 3.05
C ASP A 129 4.05 0.64 2.09
N ILE A 130 3.27 1.47 1.41
CA ILE A 130 2.31 0.98 0.44
C ILE A 130 3.03 0.44 -0.79
N LYS A 131 2.72 -0.81 -1.14
CA LYS A 131 3.28 -1.46 -2.33
C LYS A 131 2.44 -2.73 -2.59
N PRO A 132 2.55 -3.30 -3.79
CA PRO A 132 1.69 -4.45 -4.15
C PRO A 132 1.83 -5.68 -3.27
N GLU A 133 2.99 -5.84 -2.65
CA GLU A 133 3.22 -6.96 -1.76
C GLU A 133 2.37 -6.86 -0.48
N ASN A 134 2.00 -5.62 -0.10
CA ASN A 134 1.21 -5.37 1.12
C ASN A 134 -0.29 -5.17 0.86
N LEU A 135 -0.68 -5.21 -0.40
CA LEU A 135 -2.09 -5.02 -0.76
C LEU A 135 -2.61 -6.41 -1.09
N LEU A 136 -3.50 -6.91 -0.23
CA LEU A 136 -4.02 -8.28 -0.35
C LEU A 136 -5.42 -8.32 -0.94
N LEU A 137 -5.81 -9.50 -1.42
CA LEU A 137 -7.12 -9.68 -2.03
C LEU A 137 -7.88 -10.81 -1.34
N ASP A 138 -9.16 -10.58 -1.09
CA ASP A 138 -10.00 -11.60 -0.46
C ASP A 138 -10.56 -12.52 -1.52
N GLU A 139 -11.46 -13.42 -1.13
CA GLU A 139 -12.06 -14.35 -2.08
C GLU A 139 -12.82 -13.66 -3.21
N ARG A 140 -13.27 -12.44 -2.97
CA ARG A 140 -14.01 -11.67 -3.98
C ARG A 140 -13.10 -10.66 -4.70
N ASP A 141 -11.79 -10.80 -4.50
CA ASP A 141 -10.83 -9.91 -5.12
C ASP A 141 -10.95 -8.48 -4.61
N ASN A 142 -11.41 -8.34 -3.37
CA ASN A 142 -11.49 -7.02 -2.72
C ASN A 142 -10.13 -6.74 -2.11
N LEU A 143 -9.61 -5.54 -2.37
CA LEU A 143 -8.30 -5.14 -1.86
C LEU A 143 -8.28 -4.76 -0.39
N LYS A 144 -7.24 -5.19 0.33
CA LYS A 144 -7.09 -4.86 1.73
C LYS A 144 -5.66 -4.47 2.01
N ILE A 145 -5.48 -3.34 2.70
CA ILE A 145 -4.15 -2.87 3.07
C ILE A 145 -3.65 -3.69 4.26
N SER A 146 -2.42 -4.18 4.16
CA SER A 146 -1.83 -5.01 5.21
C SER A 146 -0.45 -4.54 5.65
N ASP A 147 0.02 -5.11 6.77
CA ASP A 147 1.34 -4.79 7.32
C ASP A 147 1.48 -3.37 7.86
N PHE A 148 1.15 -3.18 9.14
CA PHE A 148 1.27 -1.86 9.75
C PHE A 148 2.49 -1.73 10.65
N GLY A 149 3.54 -2.47 10.29
CA GLY A 149 4.79 -2.46 11.04
C GLY A 149 5.56 -1.15 10.92
N LEU A 150 5.27 -0.36 9.89
CA LEU A 150 5.93 0.92 9.72
C LEU A 150 4.93 2.06 9.88
N ALA A 151 3.68 1.72 10.17
CA ALA A 151 2.63 2.72 10.31
C ALA A 151 2.80 3.57 11.55
N THR A 152 2.33 4.81 11.49
CA THR A 152 2.45 5.71 12.62
C THR A 152 1.34 6.76 12.63
N VAL A 153 1.16 7.37 13.78
CA VAL A 153 0.16 8.42 13.93
C VAL A 153 0.74 9.72 13.44
N PHE A 154 0.01 10.41 12.56
CA PHE A 154 0.46 11.70 12.05
C PHE A 154 -0.47 12.84 12.45
N ARG A 155 -1.60 12.49 13.05
CA ARG A 155 -2.56 13.49 13.54
C ARG A 155 -3.16 13.00 14.83
N TYR A 156 -3.09 13.84 15.86
CA TYR A 156 -3.63 13.50 17.17
C TYR A 156 -4.25 14.73 17.78
N ASN A 157 -5.46 14.60 18.29
CA ASN A 157 -6.17 15.73 18.86
C ASN A 157 -6.26 16.84 17.81
N ASN A 158 -6.55 16.43 16.57
CA ASN A 158 -6.69 17.36 15.46
C ASN A 158 -5.45 18.21 15.18
N ARG A 159 -4.29 17.74 15.62
CA ARG A 159 -3.05 18.45 15.40
C ARG A 159 -2.13 17.58 14.56
N GLU A 160 -1.72 18.08 13.39
CA GLU A 160 -0.83 17.30 12.55
C GLU A 160 0.62 17.35 13.02
N ARG A 161 1.31 16.24 12.85
CA ARG A 161 2.73 16.18 13.20
C ARG A 161 3.49 15.86 11.93
N LEU A 162 4.59 16.56 11.70
CA LEU A 162 5.40 16.29 10.52
C LEU A 162 6.25 15.07 10.79
N LEU A 163 6.52 14.31 9.74
CA LEU A 163 7.34 13.12 9.87
C LEU A 163 8.77 13.49 9.49
N ASN A 164 9.72 12.65 9.91
CA ASN A 164 11.13 12.88 9.57
C ASN A 164 11.87 11.55 9.43
N LYS A 165 11.25 10.48 9.91
CA LYS A 165 11.85 9.16 9.84
C LYS A 165 11.97 8.64 8.42
N MET A 166 13.12 8.04 8.12
CA MET A 166 13.41 7.45 6.82
C MET A 166 12.91 6.03 6.80
N CYS A 167 11.86 5.76 6.02
CA CYS A 167 11.34 4.39 5.95
C CYS A 167 10.49 4.15 4.70
N GLY A 168 10.22 2.89 4.42
CA GLY A 168 9.44 2.52 3.25
C GLY A 168 10.27 1.67 2.30
N THR A 169 9.95 1.73 1.02
CA THR A 169 10.65 0.95 0.02
C THR A 169 11.06 1.87 -1.12
N LEU A 170 12.36 1.99 -1.36
CA LEU A 170 12.91 2.93 -2.36
C LEU A 170 12.11 3.25 -3.63
N PRO A 171 11.78 2.24 -4.42
CA PRO A 171 11.05 2.47 -5.67
C PRO A 171 9.69 3.14 -5.43
N TYR A 172 9.15 2.94 -4.23
CA TYR A 172 7.82 3.48 -3.86
C TYR A 172 7.84 4.77 -3.03
N VAL A 173 9.00 5.13 -2.48
CA VAL A 173 9.09 6.33 -1.62
C VAL A 173 9.07 7.67 -2.37
N ALA A 174 8.41 8.67 -1.76
CA ALA A 174 8.32 10.01 -2.37
C ALA A 174 9.67 10.72 -2.31
N PRO A 175 9.94 11.60 -3.27
CA PRO A 175 11.24 12.29 -3.33
C PRO A 175 11.57 13.18 -2.10
N GLU A 176 10.55 13.78 -1.49
CA GLU A 176 10.77 14.67 -0.34
C GLU A 176 11.34 13.93 0.85
N LEU A 177 11.02 12.64 0.94
CA LEU A 177 11.51 11.82 2.03
C LEU A 177 13.03 11.67 1.94
N LEU A 178 13.57 11.85 0.73
CA LEU A 178 15.01 11.75 0.52
C LEU A 178 15.70 13.11 0.66
N LYS A 179 14.95 14.19 0.46
CA LYS A 179 15.55 15.52 0.47
C LYS A 179 15.20 16.43 1.64
N ARG A 180 13.98 16.36 2.12
CA ARG A 180 13.54 17.23 3.21
C ARG A 180 13.78 16.67 4.60
N ARG A 181 14.02 17.55 5.56
CA ARG A 181 14.26 17.16 6.95
C ARG A 181 12.94 16.71 7.60
N GLU A 182 11.86 17.40 7.25
CA GLU A 182 10.54 17.05 7.78
C GLU A 182 9.53 17.19 6.66
N PHE A 183 8.59 16.26 6.59
CA PHE A 183 7.63 16.27 5.51
C PHE A 183 6.25 15.82 5.98
N HIS A 184 5.22 16.23 5.26
CA HIS A 184 3.84 15.85 5.58
C HIS A 184 3.61 14.37 5.22
N ALA A 185 2.88 13.66 6.07
CA ALA A 185 2.62 12.23 5.88
C ALA A 185 1.77 11.88 4.67
N GLU A 186 0.66 12.61 4.51
CA GLU A 186 -0.28 12.30 3.43
C GLU A 186 0.27 12.24 2.00
N PRO A 187 1.00 13.26 1.55
CA PRO A 187 1.52 13.23 0.18
C PRO A 187 2.44 12.03 -0.08
N VAL A 188 3.10 11.53 0.97
CA VAL A 188 3.99 10.37 0.83
C VAL A 188 3.20 9.12 0.46
N ASP A 189 2.09 8.90 1.16
CA ASP A 189 1.25 7.73 0.87
C ASP A 189 0.62 7.89 -0.52
N VAL A 190 0.24 9.11 -0.86
CA VAL A 190 -0.35 9.36 -2.19
C VAL A 190 0.66 8.99 -3.28
N TRP A 191 1.92 9.36 -3.09
CA TRP A 191 2.96 9.06 -4.06
C TRP A 191 3.12 7.55 -4.28
N SER A 192 3.25 6.82 -3.18
CA SER A 192 3.40 5.36 -3.28
C SER A 192 2.20 4.73 -3.99
N CYS A 193 1.00 5.27 -3.77
CA CYS A 193 -0.18 4.75 -4.47
C CYS A 193 0.01 4.98 -5.97
N GLY A 194 0.61 6.10 -6.33
CA GLY A 194 0.85 6.39 -7.76
C GLY A 194 1.84 5.39 -8.35
N ILE A 195 2.84 5.02 -7.58
CA ILE A 195 3.82 4.03 -8.06
C ILE A 195 3.09 2.69 -8.21
N VAL A 196 2.18 2.39 -7.30
CA VAL A 196 1.43 1.15 -7.42
C VAL A 196 0.59 1.17 -8.71
N LEU A 197 -0.05 2.30 -8.98
CA LEU A 197 -0.87 2.43 -10.18
C LEU A 197 0.00 2.22 -11.43
N THR A 198 1.21 2.78 -11.42
CA THR A 198 2.12 2.63 -12.53
C THR A 198 2.44 1.15 -12.76
N ALA A 199 2.79 0.45 -11.68
CA ALA A 199 3.08 -0.98 -11.74
C ALA A 199 1.90 -1.79 -12.30
N MET A 200 0.69 -1.49 -11.83
CA MET A 200 -0.50 -2.20 -12.31
C MET A 200 -0.76 -2.00 -13.82
N LEU A 201 -0.45 -0.83 -14.33
CA LEU A 201 -0.74 -0.53 -15.73
C LEU A 201 0.39 -0.86 -16.69
N ALA A 202 1.61 -1.02 -16.16
CA ALA A 202 2.77 -1.24 -17.02
C ALA A 202 3.60 -2.46 -16.66
N GLY A 203 3.33 -3.05 -15.49
CA GLY A 203 4.03 -4.26 -15.05
C GLY A 203 5.51 -4.03 -14.81
N GLU A 204 5.88 -2.81 -14.44
CA GLU A 204 7.25 -2.47 -14.17
C GLU A 204 7.32 -1.18 -13.36
N LEU A 205 8.35 -1.05 -12.54
CA LEU A 205 8.51 0.16 -11.74
C LEU A 205 9.27 1.18 -12.55
N PRO A 206 8.89 2.45 -12.43
CA PRO A 206 9.49 3.52 -13.23
C PRO A 206 10.95 3.86 -12.91
N TRP A 207 11.33 3.77 -11.65
CA TRP A 207 12.70 4.08 -11.25
C TRP A 207 13.12 3.33 -10.00
N ASP A 208 14.43 3.23 -9.78
CA ASP A 208 14.97 2.57 -8.61
C ASP A 208 14.70 3.46 -7.39
N GLN A 209 14.67 4.76 -7.62
CA GLN A 209 14.39 5.75 -6.57
C GLN A 209 14.24 7.14 -7.21
N PRO A 210 13.44 7.98 -6.56
CA PRO A 210 13.16 9.31 -7.09
C PRO A 210 14.26 10.30 -6.68
N SER A 211 15.48 10.02 -7.13
CA SER A 211 16.63 10.87 -6.80
C SER A 211 17.14 11.68 -7.98
N ASP A 212 17.92 12.72 -7.66
CA ASP A 212 18.53 13.57 -8.67
C ASP A 212 19.49 12.75 -9.52
N SER A 213 20.04 11.70 -8.92
CA SER A 213 21.02 10.84 -9.60
C SER A 213 20.41 9.69 -10.39
N CYS A 214 19.09 9.55 -10.35
CA CYS A 214 18.43 8.46 -11.08
C CYS A 214 17.96 8.91 -12.46
N GLN A 215 18.61 8.41 -13.50
CA GLN A 215 18.28 8.76 -14.87
C GLN A 215 16.79 8.63 -15.20
N GLU A 216 16.18 7.51 -14.81
CA GLU A 216 14.77 7.27 -15.10
C GLU A 216 13.89 8.33 -14.47
N TYR A 217 14.24 8.75 -13.25
CA TYR A 217 13.46 9.78 -12.58
C TYR A 217 13.62 11.13 -13.27
N SER A 218 14.85 11.43 -13.70
CA SER A 218 15.10 12.68 -14.42
C SER A 218 14.32 12.70 -15.72
N ASP A 219 14.25 11.54 -16.38
CA ASP A 219 13.53 11.43 -17.64
C ASP A 219 12.06 11.77 -17.46
N TRP A 220 11.49 11.31 -16.34
CA TRP A 220 10.09 11.57 -16.02
C TRP A 220 9.87 13.06 -15.80
N LYS A 221 10.74 13.67 -15.01
CA LYS A 221 10.63 15.09 -14.74
C LYS A 221 10.73 15.89 -16.05
N GLU A 222 11.47 15.36 -17.01
CA GLU A 222 11.61 16.00 -18.32
C GLU A 222 10.49 15.61 -19.28
N LYS A 223 9.48 14.92 -18.74
CA LYS A 223 8.32 14.49 -19.51
C LYS A 223 8.63 13.62 -20.72
N LYS A 224 9.65 12.79 -20.61
CA LYS A 224 10.00 11.87 -21.68
C LYS A 224 9.07 10.66 -21.62
N THR A 225 7.77 10.91 -21.86
CA THR A 225 6.76 9.86 -21.79
C THR A 225 6.77 8.88 -22.97
N TYR A 226 7.70 9.07 -23.91
CA TYR A 226 7.80 8.15 -25.05
C TYR A 226 8.58 6.92 -24.61
N LEU A 227 9.13 6.99 -23.40
CA LEU A 227 9.90 5.90 -22.84
C LEU A 227 9.04 5.00 -21.96
N ASN A 228 9.56 3.82 -21.64
CA ASN A 228 8.87 2.88 -20.75
C ASN A 228 9.07 3.44 -19.36
N PRO A 229 8.10 3.24 -18.46
CA PRO A 229 6.90 2.45 -18.72
C PRO A 229 5.73 3.30 -19.21
N TRP A 230 5.92 4.61 -19.27
CA TRP A 230 4.86 5.53 -19.67
C TRP A 230 4.22 5.28 -21.04
N LYS A 231 5.02 4.81 -21.99
CA LYS A 231 4.50 4.54 -23.34
C LYS A 231 3.46 3.42 -23.37
N LYS A 232 3.45 2.58 -22.33
CA LYS A 232 2.49 1.47 -22.25
C LYS A 232 1.19 1.89 -21.58
N ILE A 233 1.18 3.08 -20.99
CA ILE A 233 0.00 3.57 -20.28
C ILE A 233 -0.86 4.50 -21.14
N ASP A 234 -2.18 4.30 -21.07
CA ASP A 234 -3.11 5.13 -21.85
C ASP A 234 -3.11 6.58 -21.39
N SER A 235 -3.50 7.48 -22.30
CA SER A 235 -3.49 8.91 -22.01
C SER A 235 -4.29 9.33 -20.78
N ALA A 236 -5.44 8.70 -20.55
CA ALA A 236 -6.27 9.06 -19.40
C ALA A 236 -5.58 8.75 -18.04
N PRO A 237 -5.16 7.50 -17.82
CA PRO A 237 -4.49 7.17 -16.55
C PRO A 237 -3.14 7.86 -16.45
N LEU A 238 -2.51 8.09 -17.58
CA LEU A 238 -1.22 8.75 -17.58
C LEU A 238 -1.37 10.20 -17.08
N ALA A 239 -2.49 10.84 -17.43
CA ALA A 239 -2.74 12.23 -16.99
C ALA A 239 -2.91 12.27 -15.46
N LEU A 240 -3.47 11.19 -14.90
CA LEU A 240 -3.62 11.09 -13.44
C LEU A 240 -2.23 10.93 -12.82
N LEU A 241 -1.41 10.07 -13.42
CA LEU A 241 -0.05 9.85 -12.92
C LEU A 241 0.79 11.15 -12.98
N HIS A 242 0.47 12.03 -13.93
CA HIS A 242 1.20 13.30 -14.05
C HIS A 242 0.89 14.19 -12.86
N LYS A 243 -0.31 14.05 -12.30
CA LYS A 243 -0.73 14.85 -11.14
C LYS A 243 -0.25 14.24 -9.80
N ILE A 244 -0.12 12.93 -9.77
CA ILE A 244 0.33 12.25 -8.54
C ILE A 244 1.83 12.29 -8.40
N LEU A 245 2.55 11.93 -9.46
CA LEU A 245 4.00 11.86 -9.41
C LEU A 245 4.67 13.22 -9.61
N VAL A 246 4.29 14.17 -8.75
CA VAL A 246 4.79 15.54 -8.76
C VAL A 246 5.84 15.69 -7.64
N GLU A 247 7.05 16.10 -8.00
CA GLU A 247 8.15 16.21 -7.03
C GLU A 247 7.84 17.05 -5.80
N ASN A 248 7.27 18.23 -6.01
CA ASN A 248 6.93 19.13 -4.90
C ASN A 248 5.65 18.66 -4.23
N PRO A 249 5.75 18.11 -3.02
CA PRO A 249 4.58 17.59 -2.31
C PRO A 249 3.45 18.59 -2.10
N SER A 250 3.79 19.88 -2.05
CA SER A 250 2.78 20.91 -1.85
C SER A 250 1.95 21.11 -3.12
N ALA A 251 2.52 20.77 -4.26
CA ALA A 251 1.81 20.90 -5.54
C ALA A 251 1.16 19.57 -5.94
N ARG A 252 1.50 18.50 -5.23
CA ARG A 252 0.95 17.16 -5.51
C ARG A 252 -0.56 17.09 -5.33
N ILE A 253 -1.23 16.32 -6.18
CA ILE A 253 -2.68 16.15 -6.11
C ILE A 253 -3.04 15.47 -4.79
N THR A 254 -4.16 15.88 -4.21
CA THR A 254 -4.64 15.30 -2.95
C THR A 254 -5.65 14.24 -3.30
N ILE A 255 -6.03 13.43 -2.33
CA ILE A 255 -7.01 12.38 -2.61
C ILE A 255 -8.40 12.93 -3.02
N PRO A 256 -8.84 14.01 -2.37
CA PRO A 256 -10.13 14.61 -2.74
C PRO A 256 -10.13 14.97 -4.22
N ASP A 257 -9.00 15.45 -4.72
CA ASP A 257 -8.86 15.81 -6.12
C ASP A 257 -8.65 14.57 -7.02
N ILE A 258 -8.06 13.51 -6.46
CA ILE A 258 -7.89 12.28 -7.25
C ILE A 258 -9.27 11.74 -7.59
N LYS A 259 -10.17 11.81 -6.62
CA LYS A 259 -11.53 11.32 -6.79
C LYS A 259 -12.33 12.09 -7.85
N LYS A 260 -11.81 13.22 -8.29
CA LYS A 260 -12.47 14.04 -9.30
C LYS A 260 -11.82 13.85 -10.67
N ASP A 261 -10.74 13.06 -10.68
CA ASP A 261 -9.99 12.82 -11.91
C ASP A 261 -10.81 12.12 -12.98
N ARG A 262 -10.58 12.48 -14.24
CA ARG A 262 -11.34 11.91 -15.34
C ARG A 262 -11.21 10.42 -15.47
N TRP A 263 -9.97 9.92 -15.48
CA TRP A 263 -9.76 8.49 -15.57
C TRP A 263 -10.33 7.79 -14.36
N TYR A 264 -10.14 8.39 -13.18
CA TYR A 264 -10.66 7.81 -11.96
C TYR A 264 -12.17 7.57 -12.08
N ASN A 265 -12.86 8.49 -12.75
CA ASN A 265 -14.30 8.41 -12.90
C ASN A 265 -14.77 7.81 -14.25
N LYS A 266 -13.84 7.25 -15.01
CA LYS A 266 -14.20 6.66 -16.31
C LYS A 266 -14.84 5.28 -16.15
N PRO A 267 -16.01 5.08 -16.75
CA PRO A 267 -16.67 3.79 -16.68
C PRO A 267 -15.83 2.84 -17.52
N LEU A 268 -15.40 1.74 -16.91
CA LEU A 268 -14.56 0.78 -17.62
C LEU A 268 -15.10 -0.63 -17.49
N LYS A 269 -14.93 -1.40 -18.56
CA LYS A 269 -15.36 -2.77 -18.61
C LYS A 269 -14.43 -3.51 -19.57
N LYS A 270 -14.29 -4.82 -19.38
CA LYS A 270 -13.43 -5.62 -20.23
C LYS A 270 -14.18 -6.12 -21.46
N GLY A 271 -15.48 -5.87 -21.50
C01 09H B . 3.36 -8.04 8.41
C02 09H B . 2.18 -8.09 9.10
C03 09H B . 1.06 -8.70 8.56
C04 09H B . 1.14 -9.27 7.29
C05 09H B . 2.35 -9.22 6.57
C06 09H B . 3.45 -8.58 7.13
N07 09H B . 2.40 -9.74 5.27
C08 09H B . 3.69 -10.31 4.82
C09 09H B . 3.52 -10.94 3.41
N10 09H B . 3.00 -9.99 2.38
C11 09H B . 1.71 -9.47 2.85
C12 09H B . 1.80 -8.80 4.23
N13 09H B . 0.06 -9.92 6.66
C14 09H B . -1.29 -9.94 6.96
O15 09H B . -1.89 -9.24 7.74
C16 09H B . -1.98 -10.92 6.14
N17 09H B . -1.31 -11.66 5.12
C18 09H B . -2.15 -12.49 4.52
S19 09H B . -3.74 -12.42 5.11
C20 09H B . -3.31 -11.22 6.26
C21 09H B . -1.78 -13.36 3.38
C22 09H B . -2.74 -14.15 2.70
C23 09H B . -2.39 -14.93 1.59
C24 09H B . -1.08 -14.90 1.18
C25 09H B . -0.12 -14.13 1.82
C26 09H B . -0.47 -13.34 2.92
O27 09H B . -0.58 -15.62 0.12
C28 09H B . 0.76 -15.07 -0.10
C29 09H B . 1.20 -14.31 1.16
#